data_2BP6
#
_entry.id   2BP6
#
_cell.length_a   52.629
_cell.length_b   72.790
_cell.length_c   54.530
_cell.angle_alpha   90.00
_cell.angle_beta   94.38
_cell.angle_gamma   90.00
#
_symmetry.space_group_name_H-M   'P 1 21 1'
#
loop_
_entity.id
_entity.type
_entity.pdbx_description
1 polymer 'PSEUDOMONAS AERUGINOSA LECTIN II'
2 non-polymer alpha-L-galactopyranose
3 non-polymer 'CALCIUM ION'
4 non-polymer 'SULFATE ION'
5 water water
#
_entity_poly.entity_id   1
_entity_poly.type   'polypeptide(L)'
_entity_poly.pdbx_seq_one_letter_code
;ATQGVFTLPANTRFGVTAFANSSGTQTVNVLVNNETAATFSGQSTNNAVIGTQVLNSGSSGKVQVQVSVNGRPSDLVSAQ
VILTNELNFALVGSEDGTDNDYNDAVVVINWPLG
;
_entity_poly.pdbx_strand_id   A,B,C,D
#
loop_
_chem_comp.id
_chem_comp.type
_chem_comp.name
_chem_comp.formula
CA non-polymer 'CALCIUM ION' 'Ca 2'
GXL L-saccharide, alpha linking alpha-L-galactopyranose 'C6 H12 O6'
SO4 non-polymer 'SULFATE ION' 'O4 S -2'
#
# COMPACT_ATOMS: atom_id res chain seq x y z
N ALA A 1 10.95 -12.04 -7.22
CA ALA A 1 11.62 -11.04 -6.30
C ALA A 1 11.57 -11.53 -4.87
N THR A 2 12.57 -11.14 -4.09
CA THR A 2 12.60 -11.39 -2.66
C THR A 2 11.34 -10.80 -2.01
N GLN A 3 10.76 -11.55 -1.08
CA GLN A 3 9.59 -11.09 -0.30
C GLN A 3 9.83 -11.37 1.17
N GLY A 4 9.18 -10.57 2.02
CA GLY A 4 9.26 -10.77 3.46
C GLY A 4 10.50 -10.14 4.08
N VAL A 5 11.23 -9.33 3.31
CA VAL A 5 12.42 -8.63 3.82
C VAL A 5 12.15 -7.13 3.86
N PHE A 6 12.46 -6.52 5.00
CA PHE A 6 12.17 -5.08 5.16
C PHE A 6 13.34 -4.37 5.83
N THR A 7 13.68 -3.20 5.33
CA THR A 7 14.67 -2.39 6.04
C THR A 7 13.96 -1.33 6.88
N LEU A 8 14.09 -1.48 8.19
CA LEU A 8 13.54 -0.55 9.15
C LEU A 8 14.62 0.48 9.49
N PRO A 9 14.20 1.61 10.05
CA PRO A 9 15.20 2.51 10.61
C PRO A 9 15.98 1.75 11.66
N ALA A 10 17.29 2.03 11.78
CA ALA A 10 18.09 1.31 12.74
C ALA A 10 17.64 1.52 14.17
N ASN A 11 17.83 0.50 15.00
CA ASN A 11 17.70 0.64 16.45
C ASN A 11 16.30 1.12 16.86
N THR A 12 15.32 0.59 16.15
CA THR A 12 13.94 1.01 16.32
C THR A 12 13.09 -0.17 16.76
N ARG A 13 12.32 0.03 17.81
CA ARG A 13 11.37 -1.01 18.26
C ARG A 13 10.21 -1.14 17.27
N PHE A 14 9.84 -2.38 17.02
CA PHE A 14 8.72 -2.65 16.13
C PHE A 14 7.88 -3.77 16.70
N GLY A 15 6.61 -3.79 16.34
CA GLY A 15 5.75 -4.90 16.71
C GLY A 15 5.66 -5.91 15.59
N VAL A 16 5.53 -7.18 15.95
CA VAL A 16 5.30 -8.21 14.95
C VAL A 16 4.22 -9.13 15.49
N THR A 17 3.24 -9.44 14.64
CA THR A 17 2.06 -10.21 15.03
C THR A 17 1.75 -11.18 13.92
N ALA A 18 1.48 -12.42 14.28
CA ALA A 18 1.19 -13.45 13.26
C ALA A 18 -0.18 -14.08 13.50
N PHE A 19 -0.91 -14.32 12.40
CA PHE A 19 -2.27 -14.93 12.41
C PHE A 19 -2.20 -16.22 11.56
N ALA A 20 -2.99 -17.23 11.92
CA ALA A 20 -3.04 -18.47 11.14
C ALA A 20 -4.42 -18.70 10.54
N ASN A 21 -4.42 -19.19 9.29
CA ASN A 21 -5.65 -19.54 8.58
C ASN A 21 -5.40 -20.76 7.70
N SER A 22 -5.25 -21.93 8.31
CA SER A 22 -4.90 -23.12 7.53
C SER A 22 -5.08 -24.35 8.39
N SER A 23 -5.27 -25.50 7.75
N SER A 23 -5.29 -25.49 7.75
CA SER A 23 -5.25 -26.78 8.46
CA SER A 23 -5.27 -26.77 8.47
C SER A 23 -3.88 -27.12 9.03
C SER A 23 -3.90 -27.01 9.11
N GLY A 24 -2.85 -26.52 8.45
CA GLY A 24 -1.48 -26.82 8.88
C GLY A 24 -0.92 -25.93 9.97
N THR A 25 -0.07 -26.52 10.81
CA THR A 25 0.61 -25.73 11.84
C THR A 25 1.64 -24.82 11.21
N GLN A 26 1.51 -23.51 11.48
CA GLN A 26 2.44 -22.52 10.92
C GLN A 26 3.60 -22.26 11.87
N THR A 27 4.82 -22.20 11.34
CA THR A 27 5.98 -21.71 12.10
C THR A 27 6.46 -20.44 11.44
N VAL A 28 6.47 -19.35 12.21
CA VAL A 28 6.90 -18.06 11.69
C VAL A 28 8.18 -17.66 12.40
N ASN A 29 9.26 -17.46 11.63
CA ASN A 29 10.52 -16.97 12.18
C ASN A 29 10.72 -15.54 11.75
N VAL A 30 11.10 -14.72 12.72
CA VAL A 30 11.39 -13.33 12.45
C VAL A 30 12.89 -13.17 12.70
N LEU A 31 13.61 -12.77 11.65
N LEU A 31 13.61 -12.74 11.66
CA LEU A 31 15.06 -12.56 11.71
CA LEU A 31 15.07 -12.57 11.75
C LEU A 31 15.34 -11.07 11.89
C LEU A 31 15.44 -11.10 11.77
N VAL A 32 16.38 -10.77 12.65
CA VAL A 32 16.92 -9.41 12.72
C VAL A 32 18.40 -9.56 12.48
N ASN A 33 18.93 -8.80 11.50
CA ASN A 33 20.34 -8.98 11.10
C ASN A 33 20.69 -10.45 10.79
N ASN A 34 19.79 -11.13 10.11
CA ASN A 34 20.03 -12.47 9.60
C ASN A 34 20.19 -13.52 10.70
N GLU A 35 19.65 -13.24 11.89
CA GLU A 35 19.60 -14.23 12.99
C GLU A 35 18.18 -14.27 13.54
N THR A 36 17.72 -15.45 13.92
CA THR A 36 16.35 -15.56 14.47
C THR A 36 16.20 -14.76 15.75
N ALA A 37 15.21 -13.88 15.78
CA ALA A 37 14.94 -13.04 16.92
C ALA A 37 13.68 -13.42 17.65
N ALA A 38 12.76 -14.06 16.91
CA ALA A 38 11.48 -14.53 17.46
C ALA A 38 10.96 -15.67 16.62
N THR A 39 10.27 -16.60 17.27
CA THR A 39 9.63 -17.69 16.55
C THR A 39 8.25 -17.88 17.15
N PHE A 40 7.25 -17.92 16.28
CA PHE A 40 5.85 -18.16 16.67
C PHE A 40 5.38 -19.46 16.00
N SER A 41 4.48 -20.19 16.67
CA SER A 41 3.85 -21.35 16.00
C SER A 41 2.45 -21.54 16.49
N GLY A 42 1.62 -22.11 15.61
CA GLY A 42 0.25 -22.42 16.02
C GLY A 42 -0.57 -22.87 14.84
N GLN A 43 -1.79 -23.30 15.14
CA GLN A 43 -2.67 -23.76 14.11
C GLN A 43 -4.05 -23.17 14.35
N SER A 44 -4.62 -22.59 13.30
CA SER A 44 -5.99 -22.06 13.37
C SER A 44 -6.56 -21.94 11.95
N THR A 45 -7.86 -22.14 11.80
CA THR A 45 -8.53 -21.77 10.55
C THR A 45 -9.43 -20.57 10.76
N ASN A 46 -9.26 -19.87 11.88
N ASN A 46 -9.21 -19.88 11.88
CA ASN A 46 -10.10 -18.73 12.21
CA ASN A 46 -10.06 -18.78 12.31
C ASN A 46 -9.28 -17.52 12.64
C ASN A 46 -9.28 -17.53 12.65
N ASN A 47 -8.14 -17.32 11.98
CA ASN A 47 -7.34 -16.09 12.18
C ASN A 47 -6.78 -15.90 13.59
N ALA A 48 -6.59 -16.98 14.35
CA ALA A 48 -6.05 -16.78 15.68
C ALA A 48 -4.69 -16.14 15.65
N VAL A 49 -4.41 -15.28 16.63
CA VAL A 49 -3.07 -14.74 16.83
C VAL A 49 -2.18 -15.84 17.40
N ILE A 50 -1.19 -16.24 16.63
CA ILE A 50 -0.29 -17.32 17.07
C ILE A 50 0.99 -16.78 17.67
N GLY A 51 1.18 -15.47 17.60
CA GLY A 51 2.31 -14.87 18.33
C GLY A 51 2.27 -13.37 18.16
N THR A 52 2.79 -12.65 19.15
CA THR A 52 2.97 -11.22 19.01
C THR A 52 4.16 -10.86 19.89
N GLN A 53 4.96 -9.91 19.44
CA GLN A 53 6.15 -9.57 20.21
C GLN A 53 6.64 -8.20 19.81
N VAL A 54 7.37 -7.55 20.71
CA VAL A 54 8.06 -6.32 20.38
C VAL A 54 9.56 -6.63 20.28
N LEU A 55 10.16 -6.18 19.19
CA LEU A 55 11.58 -6.44 18.92
C LEU A 55 12.31 -5.16 18.56
N ASN A 56 13.64 -5.17 18.55
CA ASN A 56 14.47 -4.05 18.10
C ASN A 56 15.06 -4.34 16.73
N SER A 57 14.99 -3.38 15.81
CA SER A 57 15.49 -3.63 14.44
C SER A 57 17.00 -3.72 14.36
N GLY A 58 17.66 -3.33 15.45
CA GLY A 58 19.12 -3.47 15.51
C GLY A 58 19.89 -2.52 14.60
N SER A 59 21.21 -2.73 14.58
CA SER A 59 22.06 -1.76 13.92
C SER A 59 21.82 -1.67 12.42
N SER A 60 21.45 -2.77 11.77
CA SER A 60 21.29 -2.75 10.34
C SER A 60 19.85 -2.45 9.91
N GLY A 61 18.91 -2.58 10.83
CA GLY A 61 17.50 -2.41 10.47
C GLY A 61 16.89 -3.53 9.63
N LYS A 62 17.66 -4.56 9.30
CA LYS A 62 17.13 -5.61 8.41
C LYS A 62 16.29 -6.64 9.14
N VAL A 63 15.02 -6.72 8.75
CA VAL A 63 14.07 -7.64 9.37
C VAL A 63 13.54 -8.56 8.28
N GLN A 64 13.49 -9.85 8.57
CA GLN A 64 12.99 -10.81 7.59
C GLN A 64 12.01 -11.79 8.23
N VAL A 65 10.91 -12.02 7.52
CA VAL A 65 9.91 -12.98 7.97
C VAL A 65 9.99 -14.25 7.09
N GLN A 66 10.05 -15.42 7.73
CA GLN A 66 10.05 -16.71 7.05
C GLN A 66 8.92 -17.53 7.63
N VAL A 67 8.23 -18.28 6.78
CA VAL A 67 7.11 -19.11 7.25
C VAL A 67 7.32 -20.53 6.73
N SER A 68 7.18 -21.51 7.63
N SER A 68 7.18 -21.50 7.65
CA SER A 68 7.33 -22.92 7.27
CA SER A 68 7.33 -22.91 7.33
C SER A 68 6.15 -23.72 7.77
C SER A 68 6.08 -23.66 7.74
N VAL A 69 5.67 -24.63 6.91
CA VAL A 69 4.51 -25.49 7.23
C VAL A 69 4.80 -26.88 6.69
N ASN A 70 4.56 -27.89 7.54
CA ASN A 70 4.73 -29.29 7.10
C ASN A 70 6.13 -29.55 6.55
N GLY A 71 7.10 -28.81 7.07
CA GLY A 71 8.51 -29.03 6.75
C GLY A 71 9.06 -28.28 5.56
N ARG A 72 8.24 -27.42 4.94
CA ARG A 72 8.69 -26.66 3.77
C ARG A 72 8.32 -25.19 3.86
N PRO A 73 9.19 -24.32 3.35
CA PRO A 73 8.85 -22.88 3.36
C PRO A 73 7.63 -22.58 2.50
N SER A 74 6.75 -21.72 3.02
CA SER A 74 5.61 -21.24 2.25
C SER A 74 6.02 -20.14 1.29
N ASP A 75 5.23 -19.99 0.24
CA ASP A 75 5.51 -18.93 -0.72
C ASP A 75 5.00 -17.63 -0.12
N LEU A 76 5.83 -16.58 -0.17
CA LEU A 76 5.50 -15.32 0.50
C LEU A 76 5.15 -14.22 -0.47
N VAL A 77 4.28 -13.34 0.00
N VAL A 77 4.25 -13.36 -0.01
CA VAL A 77 3.99 -12.07 -0.68
CA VAL A 77 3.98 -12.07 -0.65
C VAL A 77 4.01 -10.95 0.36
C VAL A 77 4.18 -10.99 0.41
N SER A 78 4.55 -9.79 -0.01
CA SER A 78 4.77 -8.73 0.96
C SER A 78 4.77 -7.35 0.36
N ALA A 79 4.58 -6.35 1.22
CA ALA A 79 4.75 -4.95 0.83
C ALA A 79 4.85 -4.12 2.08
N GLN A 80 5.38 -2.89 1.95
CA GLN A 80 5.38 -1.94 3.05
C GLN A 80 4.53 -0.76 2.65
N VAL A 81 3.72 -0.25 3.57
N VAL A 81 3.72 -0.27 3.60
CA VAL A 81 2.88 0.93 3.27
CA VAL A 81 2.81 0.86 3.39
C VAL A 81 3.00 1.93 4.43
C VAL A 81 3.17 1.92 4.45
N ILE A 82 3.17 3.20 4.06
CA ILE A 82 3.39 4.28 5.04
C ILE A 82 2.24 5.27 4.93
N LEU A 83 1.57 5.50 6.06
CA LEU A 83 0.46 6.46 6.16
C LEU A 83 0.90 7.77 6.82
N THR A 84 0.41 8.89 6.27
CA THR A 84 0.72 10.25 6.71
C THR A 84 2.21 10.48 6.99
N ASN A 85 3.03 9.80 6.19
CA ASN A 85 4.48 9.93 6.25
C ASN A 85 5.07 9.57 7.61
N GLU A 86 4.33 8.77 8.38
CA GLU A 86 4.70 8.49 9.79
C GLU A 86 4.52 7.04 10.17
N LEU A 87 3.37 6.47 9.81
CA LEU A 87 2.96 5.17 10.35
C LEU A 87 3.29 4.08 9.33
N ASN A 88 4.09 3.10 9.76
CA ASN A 88 4.61 2.08 8.84
C ASN A 88 4.02 0.73 9.12
N PHE A 89 3.58 0.08 8.04
CA PHE A 89 3.18 -1.33 8.11
C PHE A 89 4.02 -2.14 7.14
N ALA A 90 4.55 -3.27 7.60
CA ALA A 90 5.23 -4.19 6.72
C ALA A 90 4.35 -5.46 6.79
N LEU A 91 3.86 -5.88 5.64
CA LEU A 91 2.80 -6.88 5.54
C LEU A 91 3.28 -8.11 4.82
N VAL A 92 2.98 -9.30 5.38
CA VAL A 92 3.35 -10.57 4.75
C VAL A 92 2.16 -11.52 4.68
N GLY A 93 1.92 -12.10 3.52
CA GLY A 93 1.03 -13.25 3.40
C GLY A 93 1.84 -14.46 2.95
N SER A 94 1.25 -15.64 3.13
CA SER A 94 1.99 -16.86 2.81
C SER A 94 1.02 -17.96 2.39
N GLU A 95 1.49 -18.84 1.49
CA GLU A 95 0.69 -19.94 0.93
C GLU A 95 1.43 -21.24 1.19
N ASP A 96 0.75 -22.14 1.93
CA ASP A 96 1.33 -23.44 2.28
C ASP A 96 0.82 -24.59 1.42
N GLY A 97 -0.05 -24.26 0.47
CA GLY A 97 -0.80 -25.29 -0.25
C GLY A 97 -1.04 -24.91 -1.70
N THR A 98 -2.25 -25.20 -2.16
CA THR A 98 -2.56 -25.06 -3.58
C THR A 98 -3.66 -24.07 -3.89
N ASP A 99 -4.42 -23.61 -2.87
CA ASP A 99 -5.60 -22.79 -3.12
C ASP A 99 -5.25 -21.33 -3.36
N ASN A 100 -4.03 -20.95 -3.01
CA ASN A 100 -3.54 -19.60 -3.29
C ASN A 100 -4.36 -18.52 -2.62
N ASP A 101 -4.85 -18.78 -1.42
CA ASP A 101 -5.46 -17.71 -0.62
C ASP A 101 -4.43 -16.81 0.08
N TYR A 102 -3.20 -17.32 0.25
CA TYR A 102 -2.09 -16.52 0.78
C TYR A 102 -2.32 -15.98 2.19
N ASN A 103 -3.23 -16.64 2.93
CA ASN A 103 -3.51 -16.17 4.30
C ASN A 103 -3.09 -17.20 5.35
N ASP A 104 -2.33 -18.21 4.93
CA ASP A 104 -2.17 -19.36 5.80
C ASP A 104 -1.42 -18.99 7.07
N ALA A 105 -0.40 -18.17 6.88
CA ALA A 105 0.10 -17.31 7.97
C ALA A 105 0.14 -15.89 7.43
N VAL A 106 -0.39 -14.97 8.21
CA VAL A 106 -0.38 -13.55 7.87
C VAL A 106 0.46 -12.85 8.97
N VAL A 107 1.41 -12.03 8.55
CA VAL A 107 2.31 -11.39 9.51
C VAL A 107 2.24 -9.87 9.31
N VAL A 108 2.04 -9.16 10.42
CA VAL A 108 1.95 -7.69 10.39
C VAL A 108 3.07 -7.15 11.27
N ILE A 109 3.93 -6.33 10.68
CA ILE A 109 4.95 -5.60 11.41
C ILE A 109 4.57 -4.12 11.41
N ASN A 110 4.61 -3.49 12.58
CA ASN A 110 4.29 -2.06 12.63
C ASN A 110 5.31 -1.25 13.43
N TRP A 111 5.54 -0.02 13.00
CA TRP A 111 6.41 0.90 13.75
C TRP A 111 6.05 2.30 13.29
N PRO A 112 6.44 3.32 14.06
CA PRO A 112 7.10 3.28 15.36
C PRO A 112 6.11 2.90 16.45
N LEU A 113 6.67 2.52 17.60
CA LEU A 113 5.83 2.22 18.78
C LEU A 113 5.87 3.35 19.78
N GLY A 114 5.12 3.20 20.87
CA GLY A 114 5.22 4.13 21.98
C GLY A 114 4.36 5.38 21.91
N ALA B 1 4.29 -16.08 -6.02
CA ALA B 1 2.86 -15.78 -6.29
C ALA B 1 2.78 -15.05 -7.61
N THR B 2 1.64 -15.18 -8.26
CA THR B 2 1.39 -14.42 -9.47
C THR B 2 1.52 -12.92 -9.17
N GLN B 3 2.12 -12.20 -10.12
CA GLN B 3 2.26 -10.74 -10.02
C GLN B 3 1.83 -10.11 -11.32
N GLY B 4 1.40 -8.87 -11.23
CA GLY B 4 1.02 -8.13 -12.43
C GLY B 4 -0.39 -8.42 -12.93
N VAL B 5 -1.22 -9.08 -12.13
CA VAL B 5 -2.59 -9.41 -12.53
C VAL B 5 -3.53 -8.71 -11.53
N PHE B 6 -4.53 -8.01 -12.06
CA PHE B 6 -5.42 -7.24 -11.18
C PHE B 6 -6.84 -7.43 -11.65
N THR B 7 -7.75 -7.57 -10.69
CA THR B 7 -9.15 -7.56 -11.01
C THR B 7 -9.70 -6.16 -10.80
N LEU B 8 -10.00 -5.52 -11.93
CA LEU B 8 -10.57 -4.18 -11.87
C LEU B 8 -12.11 -4.27 -11.84
N PRO B 9 -12.77 -3.16 -11.46
CA PRO B 9 -14.24 -3.08 -11.69
C PRO B 9 -14.54 -3.42 -13.16
N ALA B 10 -15.59 -4.21 -13.42
CA ALA B 10 -16.00 -4.53 -14.79
C ALA B 10 -16.37 -3.29 -15.58
N ASN B 11 -16.05 -3.35 -16.89
CA ASN B 11 -16.55 -2.37 -17.88
C ASN B 11 -16.13 -0.93 -17.61
N THR B 12 -15.01 -0.80 -16.89
CA THR B 12 -14.59 0.50 -16.37
C THR B 12 -13.28 0.99 -17.02
N ARG B 13 -13.25 2.27 -17.40
CA ARG B 13 -12.03 2.84 -17.97
C ARG B 13 -10.97 2.96 -16.90
N PHE B 14 -9.74 2.68 -17.31
CA PHE B 14 -8.59 2.90 -16.43
C PHE B 14 -7.43 3.47 -17.24
N GLY B 15 -6.54 4.16 -16.54
CA GLY B 15 -5.31 4.62 -17.17
C GLY B 15 -4.21 3.60 -16.91
N VAL B 16 -3.33 3.44 -17.88
CA VAL B 16 -2.13 2.62 -17.70
C VAL B 16 -0.95 3.41 -18.30
N THR B 17 0.11 3.51 -17.52
CA THR B 17 1.24 4.37 -17.87
C THR B 17 2.52 3.65 -17.51
N ALA B 18 3.51 3.72 -18.40
CA ALA B 18 4.76 3.00 -18.19
C ALA B 18 5.95 3.96 -18.21
N PHE B 19 6.91 3.71 -17.32
CA PHE B 19 8.15 4.49 -17.19
C PHE B 19 9.35 3.57 -17.38
N ALA B 20 10.41 4.07 -18.01
CA ALA B 20 11.60 3.22 -18.25
C ALA B 20 12.81 3.74 -17.49
N ASN B 21 13.56 2.82 -16.90
CA ASN B 21 14.79 3.16 -16.17
C ASN B 21 15.81 2.02 -16.34
N SER B 22 16.38 1.90 -17.54
CA SER B 22 17.26 0.76 -17.84
C SER B 22 18.02 1.07 -19.12
N SER B 23 19.19 0.47 -19.27
CA SER B 23 19.88 0.51 -20.55
C SER B 23 19.14 -0.32 -21.61
N GLY B 24 18.32 -1.29 -21.17
CA GLY B 24 17.62 -2.15 -22.12
C GLY B 24 16.31 -1.52 -22.56
N THR B 25 15.96 -1.75 -23.82
CA THR B 25 14.68 -1.32 -24.36
C THR B 25 13.59 -2.17 -23.72
N GLN B 26 12.63 -1.49 -23.07
CA GLN B 26 11.53 -2.17 -22.43
C GLN B 26 10.37 -2.39 -23.37
N THR B 27 9.66 -3.51 -23.23
CA THR B 27 8.39 -3.67 -23.93
C THR B 27 7.37 -4.07 -22.88
N VAL B 28 6.32 -3.28 -22.77
CA VAL B 28 5.27 -3.52 -21.79
C VAL B 28 4.00 -3.89 -22.53
N ASN B 29 3.44 -5.04 -22.20
CA ASN B 29 2.19 -5.47 -22.77
C ASN B 29 1.11 -5.43 -21.73
N VAL B 30 -0.04 -4.90 -22.11
CA VAL B 30 -1.20 -4.85 -21.22
C VAL B 30 -2.29 -5.71 -21.80
N LEU B 31 -2.71 -6.74 -21.07
CA LEU B 31 -3.74 -7.68 -21.53
C LEU B 31 -5.03 -7.39 -20.78
N VAL B 32 -6.12 -7.34 -21.53
CA VAL B 32 -7.44 -7.23 -20.91
C VAL B 32 -8.20 -8.48 -21.30
N ASN B 33 -8.70 -9.19 -20.29
CA ASN B 33 -9.36 -10.50 -20.48
C ASN B 33 -8.51 -11.38 -21.40
N ASN B 34 -7.21 -11.41 -21.10
CA ASN B 34 -6.23 -12.29 -21.74
C ASN B 34 -5.88 -11.94 -23.18
N GLU B 35 -6.26 -10.76 -23.64
CA GLU B 35 -5.88 -10.36 -24.99
C GLU B 35 -5.13 -9.05 -24.98
N THR B 36 -4.06 -8.94 -25.76
CA THR B 36 -3.30 -7.68 -25.78
C THR B 36 -4.15 -6.49 -26.15
N ALA B 37 -4.13 -5.47 -25.30
CA ALA B 37 -4.92 -4.26 -25.51
C ALA B 37 -4.04 -3.03 -25.71
N ALA B 38 -2.81 -3.10 -25.22
CA ALA B 38 -1.85 -2.00 -25.41
C ALA B 38 -0.43 -2.55 -25.34
N THR B 39 0.49 -1.91 -26.08
CA THR B 39 1.91 -2.24 -25.98
C THR B 39 2.69 -0.94 -25.98
N PHE B 40 3.60 -0.79 -25.03
CA PHE B 40 4.46 0.38 -24.96
C PHE B 40 5.90 -0.06 -25.03
N SER B 41 6.79 0.79 -25.55
CA SER B 41 8.20 0.46 -25.62
C SER B 41 9.03 1.71 -25.63
N GLY B 42 10.23 1.62 -25.07
CA GLY B 42 11.19 2.73 -25.13
C GLY B 42 12.44 2.40 -24.35
N GLN B 43 13.38 3.34 -24.30
CA GLN B 43 14.66 3.11 -23.64
C GLN B 43 15.12 4.40 -22.99
N SER B 44 15.21 4.42 -21.67
CA SER B 44 15.53 5.61 -20.91
C SER B 44 16.09 5.16 -19.59
N THR B 45 17.08 5.90 -19.07
CA THR B 45 17.53 5.74 -17.68
C THR B 45 17.14 6.98 -16.87
N ASN B 46 16.08 7.66 -17.31
CA ASN B 46 15.63 8.86 -16.63
C ASN B 46 14.10 8.95 -16.59
N ASN B 47 13.45 7.79 -16.45
CA ASN B 47 12.02 7.72 -16.13
C ASN B 47 11.12 8.21 -17.25
N ALA B 48 11.56 8.07 -18.50
CA ALA B 48 10.68 8.51 -19.61
C ALA B 48 9.34 7.79 -19.56
N VAL B 49 8.29 8.51 -19.90
CA VAL B 49 6.94 7.96 -19.97
C VAL B 49 6.77 7.37 -21.36
N ILE B 50 7.15 6.11 -21.48
CA ILE B 50 7.20 5.46 -22.80
C ILE B 50 5.83 5.17 -23.36
N GLY B 51 4.81 5.23 -22.51
CA GLY B 51 3.44 5.08 -22.98
C GLY B 51 2.44 5.44 -21.92
N THR B 52 1.31 5.95 -22.35
CA THR B 52 0.17 6.17 -21.46
C THR B 52 -1.08 6.00 -22.31
N GLN B 53 -2.10 5.35 -21.74
CA GLN B 53 -3.28 5.05 -22.55
C GLN B 53 -4.45 4.84 -21.64
N VAL B 54 -5.64 5.09 -22.15
CA VAL B 54 -6.87 4.76 -21.42
C VAL B 54 -7.45 3.52 -22.09
N LEU B 55 -7.81 2.52 -21.25
CA LEU B 55 -8.38 1.27 -21.74
C LEU B 55 -9.65 1.00 -20.96
N ASN B 56 -10.48 0.10 -21.47
CA ASN B 56 -11.63 -0.36 -20.69
C ASN B 56 -11.37 -1.77 -20.16
N SER B 57 -11.66 -1.99 -18.89
CA SER B 57 -11.41 -3.30 -18.24
C SER B 57 -12.27 -4.47 -18.77
N GLY B 58 -13.31 -4.15 -19.53
CA GLY B 58 -14.15 -5.17 -20.18
C GLY B 58 -15.03 -5.94 -19.22
N SER B 59 -15.68 -6.97 -19.75
N SER B 59 -15.70 -6.97 -19.74
CA SER B 59 -16.69 -7.71 -18.99
CA SER B 59 -16.71 -7.68 -18.96
C SER B 59 -16.19 -8.36 -17.72
C SER B 59 -16.22 -8.41 -17.72
N SER B 60 -14.96 -8.86 -17.77
CA SER B 60 -14.40 -9.63 -16.67
C SER B 60 -13.60 -8.77 -15.70
N GLY B 61 -13.16 -7.60 -16.14
CA GLY B 61 -12.27 -6.75 -15.32
C GLY B 61 -10.83 -7.20 -15.20
N LYS B 62 -10.44 -8.30 -15.84
CA LYS B 62 -9.08 -8.84 -15.65
C LYS B 62 -8.05 -8.05 -16.46
N VAL B 63 -7.04 -7.53 -15.77
CA VAL B 63 -5.98 -6.78 -16.43
C VAL B 63 -4.65 -7.42 -16.03
N GLN B 64 -3.82 -7.70 -17.02
CA GLN B 64 -2.49 -8.27 -16.74
C GLN B 64 -1.41 -7.45 -17.43
N VAL B 65 -0.34 -7.17 -16.68
CA VAL B 65 0.83 -6.47 -17.22
C VAL B 65 1.98 -7.46 -17.37
N GLN B 66 2.61 -7.47 -18.54
CA GLN B 66 3.82 -8.29 -18.84
C GLN B 66 4.90 -7.36 -19.35
N VAL B 67 6.14 -7.61 -18.94
CA VAL B 67 7.26 -6.79 -19.37
C VAL B 67 8.34 -7.70 -19.91
N SER B 68 8.95 -7.28 -21.02
CA SER B 68 10.08 -8.03 -21.55
C SER B 68 11.14 -7.10 -22.10
N VAL B 69 12.37 -7.61 -22.11
CA VAL B 69 13.50 -6.88 -22.66
C VAL B 69 14.21 -7.83 -23.61
N ASN B 70 14.31 -7.43 -24.89
CA ASN B 70 14.95 -8.26 -25.92
C ASN B 70 14.40 -9.68 -25.89
N GLY B 71 13.08 -9.76 -25.72
CA GLY B 71 12.36 -11.03 -25.78
C GLY B 71 12.37 -11.86 -24.50
N ARG B 72 13.08 -11.38 -23.47
CA ARG B 72 13.18 -12.11 -22.21
C ARG B 72 12.20 -11.50 -21.18
N PRO B 73 11.32 -12.32 -20.61
CA PRO B 73 10.40 -11.75 -19.61
C PRO B 73 11.13 -11.23 -18.37
N SER B 74 10.76 -10.03 -17.93
CA SER B 74 11.31 -9.47 -16.70
C SER B 74 10.58 -10.05 -15.48
N ASP B 75 11.29 -10.08 -14.35
CA ASP B 75 10.66 -10.53 -13.10
C ASP B 75 9.80 -9.39 -12.58
N LEU B 76 8.56 -9.68 -12.21
CA LEU B 76 7.63 -8.64 -11.76
C LEU B 76 7.34 -8.64 -10.28
N VAL B 77 7.07 -7.44 -9.75
N VAL B 77 7.07 -7.44 -9.77
CA VAL B 77 6.54 -7.24 -8.40
CA VAL B 77 6.48 -7.25 -8.44
C VAL B 77 5.34 -6.27 -8.48
C VAL B 77 5.27 -6.36 -8.61
N SER B 78 4.28 -6.53 -7.74
CA SER B 78 3.06 -5.72 -7.87
C SER B 78 2.25 -5.66 -6.59
N ALA B 79 1.39 -4.66 -6.52
CA ALA B 79 0.39 -4.56 -5.42
C ALA B 79 -0.68 -3.57 -5.86
N GLN B 80 -1.82 -3.60 -5.18
CA GLN B 80 -2.86 -2.60 -5.41
C GLN B 80 -3.08 -1.84 -4.12
N VAL B 81 -3.28 -0.54 -4.23
N VAL B 81 -3.24 -0.54 -4.20
CA VAL B 81 -3.57 0.32 -3.08
CA VAL B 81 -3.52 0.22 -2.99
C VAL B 81 -4.85 1.10 -3.33
C VAL B 81 -4.72 1.12 -3.26
N ILE B 82 -5.64 1.27 -2.27
N ILE B 82 -5.60 1.20 -2.26
CA ILE B 82 -6.91 1.98 -2.35
CA ILE B 82 -6.80 2.01 -2.37
C ILE B 82 -6.95 3.06 -1.28
C ILE B 82 -6.83 3.08 -1.30
N LEU B 83 -7.12 4.30 -1.73
CA LEU B 83 -7.18 5.45 -0.84
C LEU B 83 -8.62 5.92 -0.70
N THR B 84 -8.95 6.34 0.51
CA THR B 84 -10.30 6.76 0.88
C THR B 84 -11.42 5.84 0.34
N ASN B 85 -11.14 4.53 0.31
CA ASN B 85 -12.15 3.53 -0.09
C ASN B 85 -12.68 3.77 -1.49
N GLU B 86 -11.85 4.38 -2.36
CA GLU B 86 -12.37 4.75 -3.67
C GLU B 86 -11.32 4.89 -4.77
N LEU B 87 -10.17 5.47 -4.44
CA LEU B 87 -9.18 5.79 -5.46
C LEU B 87 -8.15 4.65 -5.54
N ASN B 88 -8.03 4.03 -6.71
CA ASN B 88 -7.22 2.81 -6.86
C ASN B 88 -5.97 3.00 -7.68
N PHE B 89 -4.90 2.38 -7.20
CA PHE B 89 -3.65 2.28 -7.97
C PHE B 89 -3.22 0.83 -8.02
N ALA B 90 -2.95 0.31 -9.21
CA ALA B 90 -2.33 -0.99 -9.35
C ALA B 90 -0.92 -0.71 -9.86
N LEU B 91 0.08 -1.27 -9.16
CA LEU B 91 1.47 -0.88 -9.30
C LEU B 91 2.30 -2.08 -9.71
N VAL B 92 3.20 -1.87 -10.67
CA VAL B 92 4.06 -2.95 -11.15
C VAL B 92 5.50 -2.43 -11.24
N GLY B 93 6.42 -3.21 -10.73
CA GLY B 93 7.84 -2.98 -10.98
C GLY B 93 8.40 -4.21 -11.70
N SER B 94 9.57 -4.03 -12.31
CA SER B 94 10.13 -5.15 -13.07
C SER B 94 11.64 -5.05 -13.11
N GLU B 95 12.27 -6.23 -13.17
CA GLU B 95 13.73 -6.32 -13.17
C GLU B 95 14.20 -7.12 -14.38
N ASP B 96 15.09 -6.51 -15.17
CA ASP B 96 15.59 -7.11 -16.42
C ASP B 96 17.03 -7.57 -16.28
N GLY B 97 17.63 -7.38 -15.10
CA GLY B 97 19.08 -7.54 -14.93
C GLY B 97 19.42 -8.15 -13.60
N THR B 98 20.50 -7.64 -13.01
CA THR B 98 21.05 -8.24 -11.80
C THR B 98 21.13 -7.29 -10.64
N ASP B 99 20.79 -6.01 -10.83
CA ASP B 99 20.96 -5.07 -9.73
C ASP B 99 19.74 -5.03 -8.77
N ASN B 100 18.63 -5.59 -9.20
CA ASN B 100 17.45 -5.67 -8.36
C ASN B 100 16.92 -4.32 -7.90
N ASP B 101 16.99 -3.34 -8.79
CA ASP B 101 16.32 -2.06 -8.48
C ASP B 101 14.82 -2.10 -8.83
N TYR B 102 14.41 -3.08 -9.66
CA TYR B 102 12.98 -3.29 -9.97
C TYR B 102 12.27 -2.08 -10.57
N ASN B 103 13.03 -1.20 -11.21
CA ASN B 103 12.44 0.00 -11.80
C ASN B 103 12.62 0.04 -13.31
N ASP B 104 13.01 -1.10 -13.89
CA ASP B 104 13.48 -1.08 -15.28
C ASP B 104 12.33 -0.74 -16.23
N ALA B 105 11.18 -1.32 -15.97
CA ALA B 105 9.90 -0.74 -16.40
C ALA B 105 9.03 -0.66 -15.16
N VAL B 106 8.44 0.51 -14.95
CA VAL B 106 7.50 0.72 -13.86
C VAL B 106 6.15 1.01 -14.50
N VAL B 107 5.10 0.34 -14.04
CA VAL B 107 3.76 0.51 -14.66
C VAL B 107 2.76 0.90 -13.58
N VAL B 108 1.99 1.95 -13.85
CA VAL B 108 0.98 2.40 -12.88
C VAL B 108 -0.36 2.35 -13.60
N ILE B 109 -1.32 1.67 -12.97
CA ILE B 109 -2.69 1.62 -13.47
C ILE B 109 -3.55 2.40 -12.47
N ASN B 110 -4.40 3.30 -12.95
CA ASN B 110 -5.20 4.09 -12.03
C ASN B 110 -6.65 4.12 -12.46
N TRP B 111 -7.55 4.10 -11.47
CA TRP B 111 -8.97 4.27 -11.70
C TRP B 111 -9.62 4.72 -10.40
N PRO B 112 -10.84 5.28 -10.45
CA PRO B 112 -11.62 5.60 -11.64
C PRO B 112 -11.03 6.82 -12.35
N LEU B 113 -11.46 7.02 -13.60
CA LEU B 113 -11.10 8.20 -14.39
C LEU B 113 -12.30 9.13 -14.49
N GLY B 114 -12.08 10.28 -15.13
CA GLY B 114 -13.19 11.18 -15.47
C GLY B 114 -13.51 12.20 -14.40
N ALA C 1 -5.36 14.50 9.22
CA ALA C 1 -3.93 14.14 9.08
C ALA C 1 -3.38 14.79 7.83
N THR C 2 -2.16 15.27 7.92
CA THR C 2 -1.45 15.84 6.78
C THR C 2 -1.33 14.80 5.66
N GLN C 3 -1.48 15.27 4.43
CA GLN C 3 -1.37 14.40 3.25
C GLN C 3 -0.51 15.08 2.21
N GLY C 4 0.05 14.26 1.33
CA GLY C 4 0.88 14.77 0.21
C GLY C 4 2.28 15.16 0.60
N VAL C 5 2.73 14.75 1.78
CA VAL C 5 4.09 15.08 2.23
C VAL C 5 4.85 13.76 2.37
N PHE C 6 6.05 13.67 1.79
CA PHE C 6 6.81 12.43 1.82
C PHE C 6 8.26 12.72 2.15
N THR C 7 8.87 11.88 2.98
CA THR C 7 10.31 11.93 3.21
C THR C 7 11.02 10.90 2.33
N LEU C 8 11.77 11.41 1.34
CA LEU C 8 12.55 10.55 0.48
C LEU C 8 13.96 10.42 1.07
N PRO C 9 14.74 9.41 0.61
CA PRO C 9 16.17 9.43 0.94
C PRO C 9 16.79 10.73 0.42
N ALA C 10 17.78 11.26 1.13
CA ALA C 10 18.41 12.51 0.75
C ALA C 10 19.09 12.39 -0.61
N ASN C 11 19.12 13.50 -1.36
CA ASN C 11 19.95 13.61 -2.55
C ASN C 11 19.66 12.54 -3.59
N THR C 12 18.39 12.25 -3.75
CA THR C 12 17.97 11.15 -4.62
C THR C 12 17.04 11.69 -5.70
N ARG C 13 17.32 11.26 -6.93
CA ARG C 13 16.44 11.64 -8.05
C ARG C 13 15.16 10.84 -7.97
N PHE C 14 14.07 11.52 -8.28
CA PHE C 14 12.77 10.90 -8.32
C PHE C 14 11.95 11.46 -9.46
N GLY C 15 11.02 10.65 -9.94
CA GLY C 15 10.07 11.07 -10.97
C GLY C 15 8.81 11.60 -10.32
N VAL C 16 8.21 12.59 -10.95
CA VAL C 16 6.88 13.05 -10.52
C VAL C 16 6.06 13.27 -11.76
N THR C 17 4.85 12.72 -11.77
CA THR C 17 3.98 12.73 -12.96
C THR C 17 2.55 12.98 -12.51
N ALA C 18 1.87 13.90 -13.21
CA ALA C 18 0.50 14.25 -12.81
C ALA C 18 -0.48 13.98 -13.95
N PHE C 19 -1.66 13.51 -13.57
CA PHE C 19 -2.77 13.20 -14.50
C PHE C 19 -3.98 14.03 -14.09
N ALA C 20 -4.84 14.41 -15.05
CA ALA C 20 -6.04 15.18 -14.70
C ALA C 20 -7.33 14.48 -15.08
N ASN C 21 -8.34 14.60 -14.21
CA ASN C 21 -9.66 13.98 -14.44
C ASN C 21 -10.73 14.88 -13.85
N SER C 22 -10.98 16.00 -14.51
CA SER C 22 -11.90 17.01 -13.96
C SER C 22 -12.21 18.05 -15.02
N SER C 23 -13.37 18.70 -14.87
CA SER C 23 -13.69 19.84 -15.72
C SER C 23 -12.81 21.03 -15.42
N GLY C 24 -12.21 21.06 -14.22
CA GLY C 24 -11.39 22.18 -13.79
C GLY C 24 -9.93 22.04 -14.15
N THR C 25 -9.28 23.16 -14.47
CA THR C 25 -7.85 23.17 -14.71
C THR C 25 -7.13 22.93 -13.38
N GLN C 26 -6.25 21.92 -13.40
CA GLN C 26 -5.50 21.52 -12.21
C GLN C 26 -4.17 22.20 -12.21
N THR C 27 -3.79 22.70 -11.03
CA THR C 27 -2.44 23.20 -10.83
C THR C 27 -1.77 22.39 -9.76
N VAL C 28 -0.69 21.70 -10.15
CA VAL C 28 0.02 20.84 -9.25
C VAL C 28 1.38 21.47 -8.95
N ASN C 29 1.64 21.72 -7.68
N ASN C 29 1.62 21.75 -7.68
CA ASN C 29 2.92 22.27 -7.28
CA ASN C 29 2.92 22.24 -7.23
C ASN C 29 3.70 21.27 -6.44
C ASN C 29 3.68 21.15 -6.50
N VAL C 30 4.96 21.05 -6.81
CA VAL C 30 5.85 20.10 -6.14
C VAL C 30 6.93 20.89 -5.43
N LEU C 31 6.96 20.79 -4.11
CA LEU C 31 7.94 21.49 -3.29
C LEU C 31 9.00 20.53 -2.82
N VAL C 32 10.25 20.96 -2.88
CA VAL C 32 11.35 20.19 -2.30
C VAL C 32 12.01 21.08 -1.25
N ASN C 33 12.16 20.56 -0.04
CA ASN C 33 12.64 21.36 1.09
C ASN C 33 11.87 22.68 1.19
N ASN C 34 10.55 22.60 1.03
CA ASN C 34 9.65 23.74 1.20
C ASN C 34 9.74 24.81 0.12
N GLU C 35 10.43 24.53 -0.96
CA GLU C 35 10.52 25.48 -2.08
C GLU C 35 9.99 24.84 -3.35
N THR C 36 9.24 25.62 -4.14
CA THR C 36 8.69 25.10 -5.40
C THR C 36 9.79 24.63 -6.34
N ALA C 37 9.68 23.37 -6.77
CA ALA C 37 10.64 22.75 -7.67
C ALA C 37 10.04 22.43 -9.03
N ALA C 38 8.73 22.22 -9.07
CA ALA C 38 8.04 21.97 -10.33
C ALA C 38 6.61 22.42 -10.22
N THR C 39 6.03 22.82 -11.34
CA THR C 39 4.63 23.22 -11.38
C THR C 39 4.04 22.73 -12.69
N PHE C 40 2.93 21.99 -12.61
CA PHE C 40 2.22 21.51 -13.78
C PHE C 40 0.83 22.08 -13.79
N SER C 41 0.32 22.36 -14.98
N SER C 41 0.30 22.38 -14.98
CA SER C 41 -1.03 22.83 -15.16
CA SER C 41 -1.09 22.82 -15.07
C SER C 41 -1.66 22.11 -16.35
C SER C 41 -1.72 22.33 -16.37
N GLY C 42 -2.96 21.85 -16.26
CA GLY C 42 -3.67 21.35 -17.43
C GLY C 42 -5.06 20.91 -17.08
N GLN C 43 -5.85 20.61 -18.11
CA GLN C 43 -7.24 20.18 -17.93
C GLN C 43 -7.50 18.97 -18.81
N SER C 44 -8.11 17.96 -18.22
CA SER C 44 -8.51 16.74 -18.96
C SER C 44 -9.57 16.03 -18.14
N THR C 45 -10.51 15.37 -18.82
CA THR C 45 -11.40 14.41 -18.15
C THR C 45 -11.10 12.98 -18.59
N ASN C 46 -9.92 12.80 -19.19
CA ASN C 46 -9.51 11.52 -19.72
C ASN C 46 -8.12 11.10 -19.27
N ASN C 47 -7.72 11.54 -18.07
CA ASN C 47 -6.47 11.07 -17.49
C ASN C 47 -5.22 11.53 -18.24
N ALA C 48 -5.32 12.66 -18.96
CA ALA C 48 -4.14 13.14 -19.69
C ALA C 48 -3.02 13.43 -18.71
N VAL C 49 -1.79 13.15 -19.15
CA VAL C 49 -0.60 13.55 -18.39
C VAL C 49 -0.49 15.06 -18.55
N ILE C 50 -0.58 15.77 -17.43
CA ILE C 50 -0.41 17.23 -17.47
C ILE C 50 1.03 17.70 -17.13
N GLY C 51 1.88 16.77 -16.70
CA GLY C 51 3.28 17.07 -16.51
C GLY C 51 4.04 15.86 -16.05
N THR C 52 5.34 15.85 -16.35
CA THR C 52 6.23 14.84 -15.80
C THR C 52 7.61 15.47 -15.74
N GLN C 53 8.35 15.13 -14.70
CA GLN C 53 9.66 15.74 -14.49
C GLN C 53 10.48 14.86 -13.59
N VAL C 54 11.80 15.03 -13.65
CA VAL C 54 12.69 14.40 -12.69
C VAL C 54 13.31 15.47 -11.80
N LEU C 55 13.25 15.24 -10.48
CA LEU C 55 13.75 16.19 -9.49
C LEU C 55 14.68 15.49 -8.57
N ASN C 56 15.39 16.27 -7.75
CA ASN C 56 16.30 15.71 -6.77
C ASN C 56 15.76 16.07 -5.41
N SER C 57 15.71 15.09 -4.51
CA SER C 57 15.12 15.31 -3.19
C SER C 57 15.94 16.20 -2.25
N GLY C 58 17.18 16.49 -2.64
CA GLY C 58 18.03 17.43 -1.88
C GLY C 58 18.46 16.92 -0.51
N SER C 59 19.08 17.80 0.28
CA SER C 59 19.60 17.40 1.59
C SER C 59 18.56 16.94 2.61
N SER C 60 17.35 17.49 2.53
CA SER C 60 16.30 17.18 3.51
C SER C 60 15.46 15.96 3.12
N GLY C 61 15.41 15.65 1.82
CA GLY C 61 14.54 14.58 1.34
C GLY C 61 13.05 14.91 1.39
N LYS C 62 12.67 16.10 1.87
CA LYS C 62 11.25 16.45 2.05
C LYS C 62 10.62 16.86 0.74
N VAL C 63 9.58 16.13 0.31
CA VAL C 63 8.86 16.43 -0.92
C VAL C 63 7.38 16.63 -0.58
N GLN C 64 6.79 17.70 -1.08
CA GLN C 64 5.38 17.96 -0.84
C GLN C 64 4.65 18.26 -2.12
N VAL C 65 3.47 17.66 -2.28
CA VAL C 65 2.60 17.90 -3.43
C VAL C 65 1.40 18.71 -2.98
N GLN C 66 1.12 19.81 -3.70
CA GLN C 66 -0.07 20.59 -3.45
C GLN C 66 -0.85 20.70 -4.74
N VAL C 67 -2.17 20.66 -4.62
CA VAL C 67 -3.04 20.81 -5.79
C VAL C 67 -4.09 21.88 -5.55
N SER C 68 -4.27 22.75 -6.55
CA SER C 68 -5.34 23.72 -6.50
C SER C 68 -6.04 23.86 -7.85
N VAL C 69 -7.27 24.37 -7.78
CA VAL C 69 -8.07 24.59 -8.95
C VAL C 69 -8.63 25.99 -8.82
N ASN C 70 -8.22 26.86 -9.74
CA ASN C 70 -8.57 28.28 -9.67
C ASN C 70 -8.24 28.89 -8.30
N GLY C 71 -7.08 28.55 -7.76
CA GLY C 71 -6.58 29.05 -6.47
C GLY C 71 -7.12 28.37 -5.20
N ARG C 72 -8.13 27.54 -5.39
CA ARG C 72 -8.77 26.85 -4.28
C ARG C 72 -7.98 25.55 -4.00
N PRO C 73 -7.43 25.38 -2.77
CA PRO C 73 -6.68 24.14 -2.50
C PRO C 73 -7.60 22.92 -2.53
N SER C 74 -7.20 21.88 -3.26
CA SER C 74 -7.94 20.63 -3.25
C SER C 74 -7.62 19.82 -2.02
N ASP C 75 -8.58 19.02 -1.58
CA ASP C 75 -8.34 18.11 -0.48
C ASP C 75 -7.54 16.93 -1.00
N LEU C 76 -6.53 16.51 -0.24
CA LEU C 76 -5.63 15.47 -0.73
C LEU C 76 -5.79 14.15 0.02
N VAL C 77 -5.51 13.06 -0.69
N VAL C 77 -5.47 13.06 -0.66
CA VAL C 77 -5.25 11.77 -0.06
CA VAL C 77 -5.29 11.78 -0.01
C VAL C 77 -3.90 11.28 -0.54
C VAL C 77 -4.00 11.16 -0.57
N SER C 78 -3.21 10.51 0.30
CA SER C 78 -1.88 10.05 -0.12
C SER C 78 -1.46 8.82 0.65
N ALA C 79 -0.47 8.15 0.09
CA ALA C 79 0.23 7.07 0.83
C ALA C 79 1.52 6.76 0.09
N GLN C 80 2.42 6.05 0.78
CA GLN C 80 3.62 5.55 0.14
C GLN C 80 3.61 4.03 0.22
N VAL C 81 4.01 3.39 -0.88
CA VAL C 81 4.07 1.92 -0.95
C VAL C 81 5.45 1.51 -1.44
N ILE C 82 6.02 0.48 -0.81
CA ILE C 82 7.33 -0.03 -1.17
C ILE C 82 7.21 -1.51 -1.55
N LEU C 83 7.68 -1.83 -2.74
CA LEU C 83 7.67 -3.21 -3.25
C LEU C 83 9.05 -3.79 -3.22
N THR C 84 9.12 -5.09 -2.88
CA THR C 84 10.37 -5.82 -2.71
C THR C 84 11.47 -5.03 -2.01
N ASN C 85 11.04 -4.22 -1.03
CA ASN C 85 11.96 -3.48 -0.16
C ASN C 85 12.87 -2.53 -0.94
N GLU C 86 12.42 -2.10 -2.12
CA GLU C 86 13.29 -1.34 -3.01
C GLU C 86 12.58 -0.30 -3.86
N LEU C 87 11.42 -0.64 -4.39
CA LEU C 87 10.78 0.24 -5.37
C LEU C 87 9.72 1.04 -4.67
N ASN C 88 9.81 2.37 -4.73
CA ASN C 88 8.93 3.22 -3.95
C ASN C 88 7.96 4.00 -4.82
N PHE C 89 6.73 4.05 -4.36
CA PHE C 89 5.70 4.90 -4.96
C PHE C 89 5.14 5.79 -3.87
N ALA C 90 5.06 7.08 -4.15
CA ALA C 90 4.37 8.02 -3.28
C ALA C 90 3.22 8.55 -4.13
N LEU C 91 2.00 8.37 -3.62
CA LEU C 91 0.78 8.48 -4.45
C LEU C 91 -0.11 9.53 -3.85
N VAL C 92 -0.66 10.40 -4.73
CA VAL C 92 -1.56 11.46 -4.28
C VAL C 92 -2.83 11.49 -5.15
N GLY C 93 -3.98 11.57 -4.49
CA GLY C 93 -5.24 11.92 -5.17
C GLY C 93 -5.75 13.24 -4.62
N SER C 94 -6.64 13.87 -5.37
CA SER C 94 -7.13 15.18 -4.91
C SER C 94 -8.55 15.35 -5.37
N GLU C 95 -9.30 16.12 -4.56
CA GLU C 95 -10.69 16.40 -4.86
C GLU C 95 -10.95 17.89 -4.91
N ASP C 96 -11.54 18.33 -6.02
CA ASP C 96 -11.78 19.76 -6.29
C ASP C 96 -13.27 20.12 -6.23
N GLY C 97 -14.11 19.13 -5.93
CA GLY C 97 -15.58 19.30 -6.03
C GLY C 97 -16.33 18.55 -4.96
N THR C 98 -17.45 17.97 -5.38
CA THR C 98 -18.37 17.35 -4.43
C THR C 98 -18.49 15.84 -4.55
N ASP C 99 -18.02 15.27 -5.67
CA ASP C 99 -18.25 13.86 -5.92
C ASP C 99 -17.31 12.90 -5.20
N ASN C 100 -16.22 13.43 -4.65
CA ASN C 100 -15.26 12.63 -3.89
C ASN C 100 -14.71 11.44 -4.66
N ASP C 101 -14.48 11.61 -5.96
CA ASP C 101 -13.75 10.60 -6.69
C ASP C 101 -12.23 10.70 -6.46
N TYR C 102 -11.76 11.84 -5.96
CA TYR C 102 -10.34 12.02 -5.57
C TYR C 102 -9.37 11.75 -6.69
N ASN C 103 -9.84 11.88 -7.94
CA ASN C 103 -8.92 11.69 -9.07
C ASN C 103 -8.70 12.95 -9.90
N ASP C 104 -9.12 14.10 -9.37
CA ASP C 104 -9.18 15.31 -10.17
C ASP C 104 -7.80 15.71 -10.66
N ALA C 105 -6.83 15.64 -9.75
CA ALA C 105 -5.41 15.50 -10.17
C ALA C 105 -4.89 14.31 -9.41
N VAL C 106 -4.22 13.43 -10.13
CA VAL C 106 -3.58 12.26 -9.53
C VAL C 106 -2.09 12.46 -9.75
N VAL C 107 -1.29 12.32 -8.69
CA VAL C 107 0.16 12.54 -8.80
C VAL C 107 0.90 11.26 -8.34
N VAL C 108 1.81 10.79 -9.18
CA VAL C 108 2.64 9.62 -8.90
C VAL C 108 4.08 10.04 -8.81
N ILE C 109 4.71 9.72 -7.67
CA ILE C 109 6.14 9.97 -7.47
C ILE C 109 6.78 8.61 -7.35
N ASN C 110 7.89 8.40 -8.07
CA ASN C 110 8.53 7.11 -8.03
C ASN C 110 10.05 7.24 -7.92
N TRP C 111 10.66 6.33 -7.17
CA TRP C 111 12.10 6.25 -7.06
C TRP C 111 12.45 4.82 -6.60
N PRO C 112 13.70 4.39 -6.80
CA PRO C 112 14.80 5.06 -7.47
C PRO C 112 14.60 5.09 -8.97
N LEU C 113 15.38 5.95 -9.62
CA LEU C 113 15.40 6.03 -11.10
C LEU C 113 16.71 5.44 -11.58
N GLY C 114 16.83 5.34 -12.90
CA GLY C 114 18.08 4.97 -13.52
C GLY C 114 18.29 3.49 -13.71
N ALA D 1 -10.30 13.84 3.50
CA ALA D 1 -11.17 12.75 2.96
C ALA D 1 -11.54 11.80 4.08
N THR D 2 -12.67 11.12 3.92
CA THR D 2 -13.09 10.14 4.93
C THR D 2 -12.01 9.09 5.11
N GLN D 3 -11.79 8.69 6.38
CA GLN D 3 -10.82 7.64 6.69
C GLN D 3 -11.46 6.59 7.63
N GLY D 4 -10.94 5.38 7.59
CA GLY D 4 -11.42 4.34 8.50
C GLY D 4 -12.68 3.63 8.04
N VAL D 5 -13.10 3.87 6.81
CA VAL D 5 -14.29 3.25 6.23
C VAL D 5 -13.86 2.36 5.07
N PHE D 6 -14.33 1.11 5.07
CA PHE D 6 -13.93 0.15 4.04
C PHE D 6 -15.13 -0.62 3.57
N THR D 7 -15.20 -0.88 2.27
CA THR D 7 -16.26 -1.77 1.77
C THR D 7 -15.67 -3.15 1.48
N LEU D 8 -16.07 -4.13 2.29
CA LEU D 8 -15.63 -5.51 2.10
C LEU D 8 -16.61 -6.27 1.20
N PRO D 9 -16.18 -7.42 0.67
CA PRO D 9 -17.18 -8.29 0.05
C PRO D 9 -18.27 -8.62 1.08
N ALA D 10 -19.52 -8.72 0.62
CA ALA D 10 -20.62 -9.05 1.51
C ALA D 10 -20.50 -10.44 2.14
N ASN D 11 -21.01 -10.57 3.36
CA ASN D 11 -21.17 -11.88 4.04
C ASN D 11 -19.87 -12.64 4.09
N THR D 12 -18.81 -11.91 4.46
CA THR D 12 -17.45 -12.44 4.44
C THR D 12 -16.82 -12.24 5.81
N ARG D 13 -16.25 -13.33 6.35
CA ARG D 13 -15.51 -13.20 7.61
C ARG D 13 -14.23 -12.41 7.42
N PHE D 14 -13.94 -11.56 8.39
CA PHE D 14 -12.67 -10.81 8.40
C PHE D 14 -12.16 -10.71 9.80
N GLY D 15 -10.84 -10.54 9.94
CA GLY D 15 -10.24 -10.31 11.25
C GLY D 15 -10.05 -8.82 11.47
N VAL D 16 -10.17 -8.41 12.72
CA VAL D 16 -9.89 -7.04 13.12
C VAL D 16 -9.07 -7.07 14.41
N THR D 17 -7.96 -6.35 14.41
CA THR D 17 -6.99 -6.42 15.51
C THR D 17 -6.54 -5.02 15.83
N ALA D 18 -6.54 -4.66 17.12
CA ALA D 18 -6.13 -3.32 17.56
C ALA D 18 -4.92 -3.36 18.48
N PHE D 19 -4.04 -2.39 18.29
CA PHE D 19 -2.81 -2.22 19.07
C PHE D 19 -2.83 -0.81 19.69
N ALA D 20 -2.23 -0.67 20.86
CA ALA D 20 -2.20 0.66 21.52
C ALA D 20 -0.76 1.10 21.75
N ASN D 21 -0.55 2.41 21.56
CA ASN D 21 0.76 3.05 21.77
C ASN D 21 0.59 4.48 22.23
N SER D 22 0.17 4.64 23.49
CA SER D 22 -0.14 5.97 23.99
C SER D 22 -0.29 5.95 25.49
N SER D 23 -0.09 7.11 26.13
CA SER D 23 -0.41 7.23 27.56
C SER D 23 -1.92 7.12 27.83
N GLY D 24 -2.73 7.44 26.82
CA GLY D 24 -4.17 7.43 27.00
C GLY D 24 -4.81 6.08 26.72
N THR D 25 -5.83 5.74 27.48
CA THR D 25 -6.60 4.55 27.24
C THR D 25 -7.34 4.69 25.91
N GLN D 26 -7.09 3.74 25.02
CA GLN D 26 -7.72 3.77 23.71
C GLN D 26 -9.01 3.00 23.73
N THR D 27 -10.03 3.50 23.03
CA THR D 27 -11.28 2.77 22.82
C THR D 27 -11.47 2.65 21.34
N VAL D 28 -11.50 1.41 20.87
CA VAL D 28 -11.65 1.13 19.46
C VAL D 28 -13.00 0.48 19.24
N ASN D 29 -13.81 1.09 18.38
CA ASN D 29 -15.11 0.56 17.99
C ASN D 29 -15.10 0.17 16.53
N VAL D 30 -15.55 -1.04 16.26
CA VAL D 30 -15.64 -1.52 14.90
C VAL D 30 -17.12 -1.66 14.56
N LEU D 31 -17.57 -0.90 13.56
CA LEU D 31 -18.96 -0.92 13.15
C LEU D 31 -19.14 -1.73 11.88
N VAL D 32 -20.18 -2.56 11.84
CA VAL D 32 -20.55 -3.25 10.60
C VAL D 32 -21.96 -2.78 10.28
N ASN D 33 -22.15 -2.29 9.06
CA ASN D 33 -23.47 -1.73 8.67
C ASN D 33 -23.94 -0.70 9.71
N ASN D 34 -23.01 0.14 10.16
CA ASN D 34 -23.30 1.26 11.06
C ASN D 34 -23.69 0.87 12.48
N GLU D 35 -23.45 -0.38 12.87
CA GLU D 35 -23.75 -0.84 14.24
C GLU D 35 -22.49 -1.41 14.84
N THR D 36 -22.21 -1.07 16.09
CA THR D 36 -21.01 -1.61 16.74
C THR D 36 -21.05 -3.12 16.80
N ALA D 37 -19.97 -3.75 16.33
CA ALA D 37 -19.87 -5.20 16.30
C ALA D 37 -18.72 -5.72 17.17
N ALA D 38 -17.73 -4.85 17.42
CA ALA D 38 -16.67 -5.17 18.37
C ALA D 38 -16.18 -3.89 19.04
N THR D 39 -15.78 -4.01 20.30
CA THR D 39 -15.18 -2.89 21.00
C THR D 39 -13.98 -3.40 21.83
N PHE D 40 -12.89 -2.66 21.80
CA PHE D 40 -11.68 -3.00 22.56
C PHE D 40 -11.21 -1.78 23.30
N SER D 41 -10.74 -1.95 24.53
CA SER D 41 -10.19 -0.83 25.27
C SER D 41 -8.90 -1.22 25.95
N GLY D 42 -7.97 -0.30 26.06
CA GLY D 42 -6.78 -0.56 26.88
C GLY D 42 -5.73 0.49 26.73
N GLN D 43 -4.76 0.47 27.63
CA GLN D 43 -3.65 1.40 27.59
C GLN D 43 -2.35 0.61 27.47
N SER D 44 -1.54 0.98 26.49
CA SER D 44 -0.21 0.42 26.32
C SER D 44 0.65 1.47 25.65
N THR D 45 1.92 1.51 26.01
CA THR D 45 2.92 2.22 25.18
C THR D 45 3.89 1.22 24.50
N ASN D 46 3.46 -0.04 24.40
N ASN D 46 3.50 -0.07 24.49
CA ASN D 46 4.31 -1.04 23.85
CA ASN D 46 4.33 -1.16 23.92
C ASN D 46 3.53 -2.02 23.00
C ASN D 46 3.57 -2.04 22.94
N ASN D 47 2.58 -1.47 22.25
CA ASN D 47 1.92 -2.19 21.15
C ASN D 47 1.08 -3.39 21.61
N ALA D 48 0.54 -3.35 22.83
CA ALA D 48 -0.34 -4.43 23.28
C ALA D 48 -1.45 -4.65 22.25
N VAL D 49 -1.82 -5.89 22.03
CA VAL D 49 -3.01 -6.23 21.25
C VAL D 49 -4.21 -6.07 22.18
N ILE D 50 -4.83 -4.91 22.15
CA ILE D 50 -5.95 -4.66 23.05
C ILE D 50 -7.21 -5.40 22.65
N GLY D 51 -7.22 -5.99 21.46
CA GLY D 51 -8.29 -6.92 21.10
C GLY D 51 -8.12 -7.45 19.72
N THR D 52 -8.63 -8.65 19.46
CA THR D 52 -8.73 -9.18 18.11
C THR D 52 -10.04 -9.97 18.05
N GLN D 53 -10.69 -9.93 16.89
CA GLN D 53 -11.99 -10.54 16.75
C GLN D 53 -12.16 -10.95 15.29
N VAL D 54 -12.97 -11.99 15.09
CA VAL D 54 -13.45 -12.34 13.76
C VAL D 54 -14.89 -11.93 13.63
N LEU D 55 -15.15 -11.12 12.61
CA LEU D 55 -16.50 -10.60 12.38
C LEU D 55 -16.96 -10.98 11.00
N ASN D 56 -18.27 -10.84 10.73
CA ASN D 56 -18.80 -11.07 9.40
C ASN D 56 -19.23 -9.73 8.83
N SER D 57 -18.83 -9.45 7.59
CA SER D 57 -19.14 -8.14 6.96
C SER D 57 -20.64 -7.93 6.70
N GLY D 58 -21.42 -9.00 6.78
CA GLY D 58 -22.89 -8.93 6.62
C GLY D 58 -23.32 -8.45 5.25
N SER D 59 -24.60 -8.11 5.11
CA SER D 59 -25.16 -7.85 3.79
C SER D 59 -24.58 -6.61 3.08
N SER D 60 -24.16 -5.60 3.86
CA SER D 60 -23.68 -4.33 3.27
C SER D 60 -22.17 -4.32 2.95
N GLY D 61 -21.42 -5.19 3.62
CA GLY D 61 -19.94 -5.11 3.54
C GLY D 61 -19.33 -3.85 4.17
N LYS D 62 -20.13 -2.95 4.76
CA LYS D 62 -19.59 -1.67 5.25
C LYS D 62 -18.95 -1.85 6.62
N VAL D 63 -17.65 -1.61 6.71
CA VAL D 63 -16.92 -1.72 7.97
C VAL D 63 -16.31 -0.36 8.27
N GLN D 64 -16.52 0.14 9.49
CA GLN D 64 -15.94 1.43 9.90
C GLN D 64 -15.22 1.29 11.23
N VAL D 65 -14.04 1.87 11.32
CA VAL D 65 -13.31 1.89 12.58
C VAL D 65 -13.36 3.29 13.19
N GLN D 66 -13.70 3.36 14.47
CA GLN D 66 -13.67 4.63 15.18
C GLN D 66 -12.78 4.46 16.40
N VAL D 67 -12.05 5.51 16.76
CA VAL D 67 -11.16 5.46 17.91
C VAL D 67 -11.38 6.71 18.74
N SER D 68 -11.45 6.55 20.05
CA SER D 68 -11.57 7.68 20.95
C SER D 68 -10.77 7.44 22.21
N VAL D 69 -10.46 8.53 22.90
CA VAL D 69 -9.76 8.44 24.18
C VAL D 69 -10.60 9.24 25.17
N ASN D 70 -11.17 8.55 26.16
CA ASN D 70 -12.15 9.13 27.10
C ASN D 70 -13.16 10.04 26.41
N GLY D 71 -13.78 9.52 25.36
CA GLY D 71 -14.86 10.21 24.68
C GLY D 71 -14.45 11.12 23.53
N ARG D 72 -13.17 11.46 23.45
CA ARG D 72 -12.68 12.41 22.44
C ARG D 72 -12.25 11.62 21.19
N PRO D 73 -12.88 11.86 20.02
CA PRO D 73 -12.46 11.11 18.82
C PRO D 73 -11.02 11.43 18.40
N SER D 74 -10.28 10.38 18.06
CA SER D 74 -8.94 10.54 17.52
C SER D 74 -9.02 10.82 16.02
N ASP D 75 -8.00 11.47 15.49
CA ASP D 75 -7.91 11.69 14.05
C ASP D 75 -7.38 10.44 13.37
N LEU D 76 -8.05 10.03 12.28
CA LEU D 76 -7.70 8.76 11.62
C LEU D 76 -6.99 8.94 10.29
N VAL D 77 -6.16 7.94 9.98
N VAL D 77 -6.14 7.95 10.00
CA VAL D 77 -5.57 7.80 8.66
CA VAL D 77 -5.59 7.74 8.66
C VAL D 77 -5.69 6.32 8.26
C VAL D 77 -5.87 6.31 8.28
N SER D 78 -5.98 6.04 6.99
CA SER D 78 -6.24 4.66 6.57
C SER D 78 -5.90 4.43 5.10
N ALA D 79 -5.76 3.17 4.76
CA ALA D 79 -5.66 2.75 3.37
C ALA D 79 -5.94 1.27 3.29
N GLN D 80 -6.10 0.77 2.06
CA GLN D 80 -6.23 -0.69 1.86
C GLN D 80 -5.18 -1.12 0.86
N VAL D 81 -4.61 -2.30 1.11
N VAL D 81 -4.61 -2.29 1.08
CA VAL D 81 -3.58 -2.89 0.26
CA VAL D 81 -3.59 -2.82 0.16
C VAL D 81 -4.04 -4.29 -0.15
C VAL D 81 -3.91 -4.29 -0.12
N ILE D 82 -3.76 -4.65 -1.40
CA ILE D 82 -4.07 -6.00 -1.88
C ILE D 82 -2.81 -6.62 -2.46
N LEU D 83 -2.48 -7.80 -1.95
CA LEU D 83 -1.33 -8.58 -2.42
C LEU D 83 -1.78 -9.76 -3.25
N THR D 84 -1.02 -9.99 -4.31
CA THR D 84 -1.28 -11.00 -5.32
C THR D 84 -2.77 -11.10 -5.70
N ASN D 85 -3.42 -9.94 -5.80
CA ASN D 85 -4.79 -9.85 -6.28
C ASN D 85 -5.79 -10.67 -5.45
N GLU D 86 -5.45 -10.92 -4.18
CA GLU D 86 -6.21 -11.84 -3.35
C GLU D 86 -6.24 -11.49 -1.87
N LEU D 87 -5.09 -11.09 -1.32
CA LEU D 87 -4.96 -10.97 0.12
C LEU D 87 -5.11 -9.49 0.50
N ASN D 88 -6.12 -9.20 1.33
CA ASN D 88 -6.50 -7.83 1.62
C ASN D 88 -6.15 -7.38 3.04
N PHE D 89 -5.61 -6.17 3.13
CA PHE D 89 -5.36 -5.52 4.43
C PHE D 89 -6.01 -4.15 4.42
N ALA D 90 -6.85 -3.87 5.41
CA ALA D 90 -7.38 -2.51 5.61
C ALA D 90 -6.71 -1.99 6.87
N LEU D 91 -6.06 -0.83 6.77
CA LEU D 91 -5.13 -0.37 7.79
C LEU D 91 -5.61 0.96 8.32
N VAL D 92 -5.54 1.15 9.64
CA VAL D 92 -5.96 2.40 10.28
C VAL D 92 -4.90 2.80 11.30
N GLY D 93 -4.51 4.06 11.26
CA GLY D 93 -3.75 4.68 12.36
C GLY D 93 -4.61 5.78 12.98
N SER D 94 -4.21 6.22 14.17
CA SER D 94 -5.00 7.27 14.84
C SER D 94 -4.10 8.08 15.74
N GLU D 95 -4.45 9.36 15.90
CA GLU D 95 -3.66 10.29 16.70
C GLU D 95 -4.59 10.92 17.75
N ASP D 96 -4.17 10.84 19.02
CA ASP D 96 -4.96 11.33 20.13
C ASP D 96 -4.38 12.60 20.73
N GLY D 97 -3.29 13.08 20.18
CA GLY D 97 -2.59 14.23 20.76
C GLY D 97 -1.98 15.10 19.69
N THR D 98 -0.75 15.55 19.96
CA THR D 98 -0.11 16.55 19.09
C THR D 98 1.14 16.08 18.39
N ASP D 99 1.69 14.92 18.76
CA ASP D 99 2.95 14.49 18.18
C ASP D 99 2.85 13.90 16.77
N ASN D 100 1.64 13.54 16.35
CA ASN D 100 1.40 12.98 15.01
C ASN D 100 2.20 11.75 14.70
N ASP D 101 2.38 10.89 15.71
CA ASP D 101 2.93 9.58 15.39
C ASP D 101 1.88 8.64 14.80
N TYR D 102 0.60 8.97 14.98
CA TYR D 102 -0.51 8.19 14.40
C TYR D 102 -0.51 6.69 14.72
N ASN D 103 0.12 6.34 15.84
CA ASN D 103 0.13 4.93 16.27
C ASN D 103 -0.63 4.72 17.57
N ASP D 104 -1.39 5.73 18.01
CA ASP D 104 -1.94 5.68 19.37
C ASP D 104 -2.89 4.51 19.55
N ALA D 105 -3.75 4.33 18.54
CA ALA D 105 -4.39 3.03 18.28
C ALA D 105 -4.14 2.74 16.80
N VAL D 106 -3.69 1.52 16.53
CA VAL D 106 -3.46 1.00 15.19
C VAL D 106 -4.41 -0.15 15.00
N VAL D 107 -5.12 -0.19 13.88
CA VAL D 107 -6.10 -1.24 13.66
C VAL D 107 -5.83 -1.88 12.29
N VAL D 108 -5.79 -3.22 12.27
CA VAL D 108 -5.55 -3.97 11.05
C VAL D 108 -6.74 -4.89 10.81
N ILE D 109 -7.32 -4.79 9.62
CA ILE D 109 -8.40 -5.66 9.21
C ILE D 109 -7.85 -6.53 8.08
N ASN D 110 -8.08 -7.83 8.15
CA ASN D 110 -7.57 -8.72 7.10
C ASN D 110 -8.60 -9.71 6.62
N TRP D 111 -8.56 -10.01 5.33
CA TRP D 111 -9.44 -11.02 4.73
C TRP D 111 -8.81 -11.45 3.42
N PRO D 112 -9.19 -12.64 2.89
CA PRO D 112 -10.07 -13.63 3.47
C PRO D 112 -9.41 -14.37 4.63
N LEU D 113 -10.26 -15.04 5.40
CA LEU D 113 -9.85 -15.94 6.47
C LEU D 113 -10.06 -17.39 6.04
N GLY D 114 -9.64 -18.31 6.91
CA GLY D 114 -9.89 -19.74 6.72
C GLY D 114 -8.88 -20.50 5.88
C1 GXL E . -4.76 -25.39 3.96
C2 GXL E . -4.65 -23.97 3.41
C3 GXL E . -5.97 -23.55 2.79
C4 GXL E . -7.07 -23.70 3.81
C5 GXL E . -7.09 -25.13 4.35
C6 GXL E . -8.10 -25.29 5.48
O1 GXL E . -5.03 -26.27 2.86
O2 GXL E . -3.63 -23.82 2.41
O3 GXL E . -5.87 -22.17 2.35
O4 GXL E . -6.86 -22.70 4.83
O5 GXL E . -5.81 -25.45 4.89
O6 GXL E . -9.42 -25.20 4.93
CA CA F . -3.68 -21.56 1.35
CA CA G . -5.89 -20.49 4.17
S SO4 H . 12.25 3.43 19.69
O1 SO4 H . 11.74 3.49 21.06
O2 SO4 H . 11.23 3.87 18.74
O3 SO4 H . 13.41 4.34 19.65
O4 SO4 H . 12.75 2.11 19.39
C1 GXL I . 20.10 -2.27 -16.65
C2 GXL I . 19.15 -2.23 -15.46
C3 GXL I . 19.81 -1.49 -14.31
C4 GXL I . 20.24 -0.09 -14.73
C5 GXL I . 21.16 -0.18 -15.96
C6 GXL I . 21.55 1.22 -16.43
O1 GXL I . 21.26 -3.04 -16.29
O2 GXL I . 18.75 -3.55 -15.00
O3 GXL I . 18.88 -1.35 -13.22
O4 GXL I . 19.04 0.68 -14.97
O5 GXL I . 20.53 -0.94 -17.00
O6 GXL I . 22.59 1.09 -17.42
CA CA J . 17.43 -3.39 -12.88
CA CA K . 17.07 0.29 -13.50
S SO4 L . 18.77 9.13 -20.14
O1 SO4 L . 19.07 8.90 -18.73
O2 SO4 L . 17.97 10.35 -20.30
O3 SO4 L . 20.04 9.37 -20.83
O4 SO4 L . 18.18 7.97 -20.79
C1 GXL M . -15.31 18.03 -11.53
C2 GXL M . -14.73 16.86 -10.75
C3 GXL M . -15.57 15.59 -10.96
C4 GXL M . -15.64 15.27 -12.44
C5 GXL M . -16.18 16.46 -13.21
C6 GXL M . -16.15 16.18 -14.71
O1 GXL M . -16.62 18.31 -11.00
O2 GXL M . -14.62 17.12 -9.34
O3 GXL M . -14.94 14.50 -10.25
O4 GXL M . -14.33 14.91 -12.88
O5 GXL M . -15.37 17.63 -12.92
O6 GXL M . -16.85 17.28 -15.36
CA CA N . -12.87 13.59 -11.31
CA CA O . -13.92 15.07 -8.07
C1 GXL P . 0.29 10.27 23.92
C2 GXL P . 0.45 9.94 22.43
C3 GXL P . 1.91 10.01 22.07
C4 GXL P . 2.77 9.13 22.97
C5 GXL P . 2.51 9.48 24.44
C6 GXL P . 3.32 8.55 25.36
O1 GXL P . 0.70 11.64 24.10
O2 GXL P . -0.28 10.83 21.57
O3 GXL P . 2.07 9.58 20.71
O4 GXL P . 2.41 7.76 22.68
O5 GXL P . 1.12 9.40 24.75
O6 GXL P . 3.13 9.02 26.72
CA CA Q . 1.89 7.18 20.31
CA CA R . 0.27 10.35 19.16
#